data_8I0B
#
_entry.id   8I0B
#
_cell.length_a   121.400
_cell.length_b   47.104
_cell.length_c   98.413
_cell.angle_alpha   90.00
_cell.angle_beta   90.00
_cell.angle_gamma   90.00
#
_symmetry.space_group_name_H-M   'P 21 2 21'
#
loop_
_entity.id
_entity.type
_entity.pdbx_description
1 polymer 'Glutamate receptor 2,Isoform Flip of Glutamate receptor 2'
2 non-polymer 'SULFATE ION'
3 non-polymer '8-[4-(2-fluorophenyl)phenyl]-3,4-dihydro-1,2$l^{6},3-benzoxathiazine 2,2-dioxide'
4 non-polymer 'SODIUM ION'
5 non-polymer 'CHLORIDE ION'
6 water water
#
_entity_poly.entity_id   1
_entity_poly.type   'polypeptide(L)'
_entity_poly.pdbx_seq_one_letter_code
;GANKTVVVTTILESPYVMMKKNHEMLEGNERYEGYCVDLAAEIAKHCGFKYKLTIVGDGKYGARDADTKIWNGMVGELVY
GKADIAIAPLTITLVREEVIDFSKPFMSLGISIMIKKGTPIESAEDLSKQTEIAYGTLDSGSTKEFFRRSKIAVFDKMWT
YMRSAEPSVFVRTTAEGVARVRKSKGKYAYLLESTMNEYIEQRKPCDTMKVGGNLDSKGYGIATPKGSSLRTPVNLAVLK
LSEQGVLDKLKNKWWYDKGECGAKDSGSKEKTSALSLSNVAGVFYILVGGLGLAMLVALIE
;
_entity_poly.pdbx_strand_id   A,B
#
loop_
_chem_comp.id
_chem_comp.type
_chem_comp.name
_chem_comp.formula
CL non-polymer 'CHLORIDE ION' 'Cl -1'
NA non-polymer 'SODIUM ION' 'Na 1'
NXO non-polymer '8-[4-(2-fluorophenyl)phenyl]-3,4-dihydro-1,2$l^{6},3-benzoxathiazine 2,2-dioxide' 'C19 H14 F N O3 S'
SO4 non-polymer 'SULFATE ION' 'O4 S -2'
#
# COMPACT_ATOMS: atom_id res chain seq x y z
N ALA A 2 32.59 13.02 3.96
CA ALA A 2 32.64 12.64 5.37
C ALA A 2 31.22 12.43 5.89
N ASN A 3 31.07 12.37 7.20
CA ASN A 3 29.79 12.08 7.84
C ASN A 3 29.30 13.32 8.57
N LYS A 4 28.15 13.83 8.12
CA LYS A 4 27.48 14.98 8.71
C LYS A 4 26.10 14.56 9.19
N THR A 5 25.63 15.21 10.24
CA THR A 5 24.37 14.85 10.86
C THR A 5 23.21 15.15 9.93
N VAL A 6 22.28 14.19 9.82
CA VAL A 6 21.19 14.29 8.84
C VAL A 6 20.07 15.11 9.46
N VAL A 7 19.61 16.14 8.76
CA VAL A 7 18.48 16.95 9.23
C VAL A 7 17.17 16.28 8.80
N VAL A 8 16.35 15.91 9.77
CA VAL A 8 15.06 15.25 9.53
C VAL A 8 13.95 16.28 9.65
N THR A 9 13.12 16.45 8.64
CA THR A 9 11.96 17.32 8.80
C THR A 9 10.76 16.44 9.09
N THR A 10 9.97 16.82 10.07
CA THR A 10 8.75 16.03 10.41
C THR A 10 7.74 17.02 10.97
N ILE A 11 6.64 16.50 11.51
CA ILE A 11 5.51 17.35 11.84
C ILE A 11 4.86 16.77 13.07
N LEU A 12 4.48 17.66 14.00
CA LEU A 12 3.75 17.29 15.21
C LEU A 12 2.35 16.83 14.83
N GLU A 13 2.19 15.52 14.79
CA GLU A 13 0.95 14.90 14.31
C GLU A 13 0.88 13.59 15.08
N SER A 14 -0.10 13.46 15.94
CA SER A 14 -0.26 12.32 16.85
C SER A 14 -0.84 11.16 16.06
N PRO A 15 -0.33 9.94 16.24
CA PRO A 15 0.72 9.50 17.16
C PRO A 15 2.12 9.45 16.52
N TYR A 16 2.30 10.16 15.41
CA TYR A 16 3.54 10.03 14.63
C TYR A 16 4.70 10.76 15.30
N VAL A 17 4.51 12.03 15.64
CA VAL A 17 5.49 12.83 16.38
C VAL A 17 4.69 13.62 17.42
N MET A 18 4.98 13.39 18.70
CA MET A 18 4.33 14.05 19.81
C MET A 18 5.37 14.53 20.79
N MET A 19 5.06 15.62 21.48
CA MET A 19 5.92 16.11 22.57
C MET A 19 5.86 15.17 23.78
N LYS A 20 7.01 14.71 24.24
CA LYS A 20 7.06 13.87 25.43
C LYS A 20 6.57 14.65 26.65
N LYS A 21 5.99 13.90 27.60
CA LYS A 21 5.41 14.50 28.80
C LYS A 21 6.34 15.52 29.46
N ASN A 22 7.63 15.17 29.64
CA ASN A 22 8.60 16.07 30.27
C ASN A 22 9.50 16.75 29.25
N HIS A 23 8.93 17.15 28.11
CA HIS A 23 9.72 17.71 27.03
C HIS A 23 10.51 18.94 27.45
N GLU A 24 9.93 19.81 28.30
CA GLU A 24 10.68 20.98 28.76
C GLU A 24 12.00 20.60 29.43
N MET A 25 12.08 19.41 30.06
CA MET A 25 13.35 18.99 30.63
C MET A 25 14.37 18.47 29.62
N LEU A 26 14.04 18.35 28.34
CA LEU A 26 14.86 17.56 27.44
C LEU A 26 15.39 18.42 26.31
N GLU A 27 16.35 17.88 25.57
CA GLU A 27 16.93 18.56 24.42
C GLU A 27 16.93 17.61 23.22
N GLY A 28 16.96 18.21 22.04
CA GLY A 28 17.06 17.45 20.81
C GLY A 28 16.04 16.35 20.72
N ASN A 29 16.39 15.30 19.97
CA ASN A 29 15.47 14.21 19.67
C ASN A 29 14.69 13.68 20.88
N GLU A 30 15.29 13.77 22.08
CA GLU A 30 14.65 13.23 23.29
C GLU A 30 13.35 13.95 23.67
N ARG A 31 13.08 15.13 23.09
CA ARG A 31 11.85 15.85 23.38
C ARG A 31 10.64 15.16 22.75
N TYR A 32 10.85 14.27 21.81
CA TYR A 32 9.75 13.77 20.99
C TYR A 32 9.58 12.27 21.13
N GLU A 33 8.37 11.81 20.82
CA GLU A 33 8.03 10.39 20.83
C GLU A 33 6.88 10.13 19.84
N GLY A 34 6.80 8.89 19.37
CA GLY A 34 5.84 8.57 18.31
C GLY A 34 6.27 7.59 17.23
N TYR A 35 5.27 7.16 16.44
CA TYR A 35 5.54 6.17 15.40
C TYR A 35 6.73 6.58 14.55
N CYS A 36 6.78 7.84 14.12
CA CYS A 36 7.83 8.25 13.18
C CYS A 36 9.13 8.56 13.89
N VAL A 37 9.06 8.85 15.18
CA VAL A 37 10.27 8.96 15.99
C VAL A 37 10.98 7.61 16.05
N ASP A 38 10.23 6.53 16.32
CA ASP A 38 10.80 5.19 16.31
C ASP A 38 11.21 4.79 14.91
N LEU A 39 10.41 5.14 13.91
CA LEU A 39 10.77 4.80 12.53
C LEU A 39 12.06 5.48 12.10
N ALA A 40 12.23 6.76 12.45
CA ALA A 40 13.48 7.46 12.18
C ALA A 40 14.66 6.77 12.84
N ALA A 41 14.49 6.33 14.09
CA ALA A 41 15.52 5.58 14.78
C ALA A 41 15.88 4.32 14.03
N GLU A 42 14.88 3.59 13.55
CA GLU A 42 15.14 2.33 12.87
C GLU A 42 15.84 2.57 11.54
N ILE A 43 15.41 3.58 10.79
CA ILE A 43 16.02 3.86 9.48
C ILE A 43 17.46 4.28 9.67
N ALA A 44 17.69 5.19 10.62
CA ALA A 44 19.05 5.68 10.88
C ALA A 44 19.99 4.53 11.21
N LYS A 45 19.49 3.53 11.97
CA LYS A 45 20.32 2.42 12.39
C LYS A 45 20.64 1.47 11.25
N HIS A 46 19.68 1.25 10.35
CA HIS A 46 19.97 0.40 9.20
C HIS A 46 20.76 1.12 8.11
N CYS A 47 20.79 2.45 8.12
CA CYS A 47 21.51 3.23 7.13
C CYS A 47 22.77 3.81 7.71
N GLY A 48 22.93 3.74 9.04
CA GLY A 48 24.14 4.15 9.71
C GLY A 48 24.42 5.63 9.66
N PHE A 49 23.41 6.47 9.86
CA PHE A 49 23.61 7.90 9.95
C PHE A 49 23.10 8.43 11.29
N LYS A 50 23.61 9.60 11.66
CA LYS A 50 23.18 10.36 12.80
C LYS A 50 22.26 11.49 12.35
N TYR A 51 21.32 11.89 13.21
CA TYR A 51 20.29 12.79 12.72
C TYR A 51 19.70 13.65 13.83
N LYS A 52 19.16 14.80 13.40
CA LYS A 52 18.38 15.70 14.24
C LYS A 52 16.95 15.79 13.72
N LEU A 53 15.99 15.50 14.61
CA LEU A 53 14.56 15.70 14.33
C LEU A 53 14.24 17.18 14.42
N THR A 54 13.70 17.75 13.34
CA THR A 54 13.30 19.16 13.32
C THR A 54 11.85 19.27 12.89
N ILE A 55 11.09 20.11 13.58
CA ILE A 55 9.67 20.24 13.30
C ILE A 55 9.46 21.33 12.26
N VAL A 56 8.74 20.97 11.22
CA VAL A 56 8.54 21.87 10.08
C VAL A 56 7.98 23.21 10.58
N GLY A 57 8.63 24.31 10.16
CA GLY A 57 8.36 25.61 10.75
C GLY A 57 6.97 26.17 10.49
N ASP A 58 6.38 25.90 9.33
CA ASP A 58 5.03 26.38 9.06
C ASP A 58 3.96 25.37 9.49
N GLY A 59 4.36 24.19 9.97
CA GLY A 59 3.45 23.18 10.47
C GLY A 59 2.61 22.53 9.39
N LYS A 60 3.08 22.59 8.16
CA LYS A 60 2.34 22.14 6.98
C LYS A 60 2.99 20.93 6.34
N TYR A 61 2.17 20.17 5.60
CA TYR A 61 2.69 19.01 4.88
C TYR A 61 3.41 19.40 3.59
N GLY A 62 2.69 20.03 2.67
CA GLY A 62 3.34 20.58 1.50
C GLY A 62 2.44 20.77 0.30
N ALA A 63 2.40 22.01 -0.19
CA ALA A 63 1.74 22.31 -1.45
C ALA A 63 2.41 23.51 -2.10
N ARG A 64 2.14 23.66 -3.39
CA ARG A 64 2.74 24.69 -4.22
C ARG A 64 1.72 25.82 -4.34
N ASP A 65 2.10 27.01 -3.87
CA ASP A 65 1.24 28.18 -4.01
C ASP A 65 1.01 28.49 -5.48
N ALA A 66 -0.19 28.97 -5.81
CA ALA A 66 -0.53 29.16 -7.21
C ALA A 66 0.08 30.45 -7.77
N ASP A 67 0.06 31.54 -6.99
CA ASP A 67 0.63 32.79 -7.50
C ASP A 67 2.15 32.71 -7.57
N THR A 68 2.80 32.35 -6.45
CA THR A 68 4.25 32.34 -6.42
C THR A 68 4.85 31.06 -6.99
N LYS A 69 4.12 29.94 -6.88
CA LYS A 69 4.62 28.62 -7.22
C LYS A 69 5.68 28.12 -6.25
N ILE A 70 5.75 28.69 -5.04
CA ILE A 70 6.69 28.22 -4.03
C ILE A 70 6.05 27.14 -3.17
N TRP A 71 6.81 26.08 -2.93
CA TRP A 71 6.36 24.99 -2.09
C TRP A 71 6.47 25.37 -0.63
N ASN A 72 5.42 25.10 0.15
CA ASN A 72 5.49 25.25 1.60
C ASN A 72 5.68 23.87 2.25
N GLY A 73 5.63 23.83 3.57
CA GLY A 73 5.63 22.60 4.32
C GLY A 73 6.93 21.81 4.30
N MET A 74 6.83 20.55 4.70
CA MET A 74 7.96 19.65 4.65
C MET A 74 8.43 19.49 3.19
N VAL A 75 7.50 19.46 2.23
CA VAL A 75 7.97 19.36 0.84
C VAL A 75 8.89 20.53 0.50
N GLY A 76 8.49 21.76 0.84
CA GLY A 76 9.36 22.91 0.64
C GLY A 76 10.72 22.76 1.30
N GLU A 77 10.76 22.19 2.51
CA GLU A 77 12.04 22.05 3.20
C GLU A 77 13.00 21.14 2.45
N LEU A 78 12.47 20.09 1.83
CA LEU A 78 13.29 19.21 0.99
C LEU A 78 13.65 19.87 -0.33
N VAL A 79 12.67 20.51 -0.96
CA VAL A 79 12.90 21.10 -2.30
C VAL A 79 13.97 22.19 -2.25
N TYR A 80 13.91 23.06 -1.24
CA TYR A 80 14.80 24.22 -1.11
C TYR A 80 16.01 23.94 -0.24
N GLY A 81 16.23 22.68 0.13
CA GLY A 81 17.50 22.27 0.70
C GLY A 81 17.66 22.54 2.17
N LYS A 82 16.55 22.74 2.90
CA LYS A 82 16.60 23.05 4.32
C LYS A 82 16.65 21.79 5.18
N ALA A 83 16.16 20.66 4.67
CA ALA A 83 16.22 19.36 5.33
C ALA A 83 16.74 18.31 4.36
N ASP A 84 17.30 17.25 4.94
CA ASP A 84 17.92 16.15 4.21
C ASP A 84 16.97 14.99 3.98
N ILE A 85 15.91 14.89 4.80
CA ILE A 85 14.95 13.79 4.72
C ILE A 85 13.69 14.20 5.50
N ALA A 86 12.53 13.64 5.09
CA ALA A 86 11.29 13.83 5.82
C ALA A 86 10.81 12.47 6.27
N ILE A 87 10.58 12.35 7.56
CA ILE A 87 10.13 11.08 8.14
C ILE A 87 8.87 11.46 8.91
N ALA A 88 7.72 11.31 8.25
CA ALA A 88 6.44 11.88 8.63
C ALA A 88 5.37 11.11 7.89
N PRO A 89 4.11 11.26 8.27
CA PRO A 89 3.00 10.70 7.48
C PRO A 89 2.74 11.50 6.22
N LEU A 90 3.68 11.41 5.25
CA LEU A 90 3.73 12.27 4.07
C LEU A 90 3.23 11.44 2.91
N THR A 91 2.12 11.87 2.30
CA THR A 91 1.48 11.09 1.26
C THR A 91 2.27 11.14 -0.05
N ILE A 92 2.50 9.96 -0.62
CA ILE A 92 3.09 9.82 -1.95
C ILE A 92 2.06 10.27 -2.97
N THR A 93 2.41 11.31 -3.74
CA THR A 93 1.55 11.86 -4.79
C THR A 93 2.38 12.12 -6.05
N LEU A 94 1.68 12.24 -7.17
CA LEU A 94 2.36 12.47 -8.45
C LEU A 94 3.07 13.83 -8.47
N VAL A 95 2.42 14.90 -8.01
CA VAL A 95 3.07 16.21 -8.09
C VAL A 95 4.32 16.25 -7.21
N ARG A 96 4.25 15.61 -6.02
CA ARG A 96 5.43 15.52 -5.16
C ARG A 96 6.49 14.60 -5.73
N GLU A 97 6.10 13.52 -6.40
CA GLU A 97 7.15 12.66 -6.96
C GLU A 97 7.89 13.34 -8.09
N GLU A 98 7.39 14.46 -8.60
CA GLU A 98 8.03 15.22 -9.64
C GLU A 98 9.10 16.16 -9.09
N VAL A 99 9.10 16.42 -7.78
CA VAL A 99 10.04 17.36 -7.16
C VAL A 99 10.85 16.74 -6.01
N ILE A 100 10.41 15.65 -5.37
CA ILE A 100 11.18 14.91 -4.38
C ILE A 100 11.08 13.44 -4.70
N ASP A 101 11.81 12.62 -3.95
CA ASP A 101 11.75 11.17 -4.12
C ASP A 101 11.09 10.58 -2.88
N PHE A 102 10.37 9.48 -3.04
CA PHE A 102 9.81 8.78 -1.89
C PHE A 102 10.34 7.34 -1.89
N SER A 103 10.58 6.81 -0.69
CA SER A 103 10.77 5.37 -0.59
C SER A 103 9.46 4.65 -0.92
N LYS A 104 9.54 3.33 -1.01
CA LYS A 104 8.31 2.53 -1.06
C LYS A 104 7.48 2.82 0.19
N PRO A 105 6.16 2.65 0.15
CA PRO A 105 5.37 3.02 1.32
C PRO A 105 5.69 2.17 2.54
N PHE A 106 5.65 2.82 3.71
CA PHE A 106 5.73 2.14 4.97
C PHE A 106 4.36 1.95 5.64
N MET A 107 3.30 2.52 5.05
CA MET A 107 1.98 2.51 5.64
C MET A 107 0.96 2.80 4.56
N SER A 108 -0.18 2.07 4.62
CA SER A 108 -1.29 2.24 3.69
C SER A 108 -2.34 3.15 4.30
N LEU A 109 -3.03 3.92 3.46
CA LEU A 109 -4.12 4.74 3.94
C LEU A 109 -5.07 5.17 2.82
N GLY A 110 -6.23 5.69 3.24
CA GLY A 110 -7.15 6.34 2.34
C GLY A 110 -7.89 7.47 3.03
N ILE A 111 -8.46 8.36 2.22
CA ILE A 111 -9.30 9.44 2.73
C ILE A 111 -10.56 8.82 3.30
N SER A 112 -11.01 9.40 4.41
CA SER A 112 -12.14 8.85 5.15
C SER A 112 -12.92 10.00 5.78
N ILE A 113 -14.04 9.63 6.40
CA ILE A 113 -14.97 10.55 7.02
C ILE A 113 -14.95 10.33 8.53
N MET A 114 -14.72 11.43 9.27
CA MET A 114 -14.91 11.51 10.70
C MET A 114 -16.19 12.24 11.08
N ILE A 115 -17.04 11.62 11.90
CA ILE A 115 -18.26 12.26 12.36
C ILE A 115 -18.30 12.28 13.89
N LYS A 116 -19.04 13.23 14.43
CA LYS A 116 -19.43 13.12 15.82
C LYS A 116 -20.41 11.96 15.92
N LYS A 117 -20.23 11.13 16.96
CA LYS A 117 -21.10 9.98 17.15
C LYS A 117 -22.55 10.44 17.12
N GLY A 118 -23.33 9.72 16.29
CA GLY A 118 -24.76 9.96 16.13
C GLY A 118 -25.11 10.81 14.94
N THR A 119 -24.13 11.34 14.23
CA THR A 119 -24.43 12.17 13.10
C THR A 119 -25.06 11.29 12.01
N PRO A 120 -26.10 11.76 11.34
CA PRO A 120 -26.80 10.94 10.33
C PRO A 120 -26.10 10.93 8.98
N ILE A 121 -24.85 10.46 8.96
CA ILE A 121 -24.06 10.37 7.73
C ILE A 121 -23.32 9.05 7.73
N GLU A 122 -23.37 8.32 6.62
CA GLU A 122 -22.64 7.08 6.55
C GLU A 122 -21.66 7.03 5.39
N SER A 123 -21.64 8.03 4.50
CA SER A 123 -20.84 7.94 3.29
C SER A 123 -20.55 9.31 2.70
N ALA A 124 -19.74 9.33 1.64
CA ALA A 124 -19.47 10.60 0.98
C ALA A 124 -20.70 11.07 0.21
N GLU A 125 -21.35 10.16 -0.52
CA GLU A 125 -22.59 10.52 -1.18
C GLU A 125 -23.55 11.17 -0.21
N ASP A 126 -23.71 10.60 0.99
CA ASP A 126 -24.57 11.19 2.02
C ASP A 126 -24.23 12.66 2.25
N LEU A 127 -22.94 12.96 2.49
CA LEU A 127 -22.47 14.33 2.66
C LEU A 127 -22.86 15.21 1.48
N SER A 128 -22.69 14.71 0.24
CA SER A 128 -22.88 15.55 -0.94
C SER A 128 -24.34 15.90 -1.21
N LYS A 129 -25.28 15.14 -0.67
CA LYS A 129 -26.70 15.28 -0.99
C LYS A 129 -27.46 16.07 0.07
N GLN A 130 -26.75 16.81 0.93
CA GLN A 130 -27.37 17.57 1.99
C GLN A 130 -26.54 18.81 2.28
N THR A 131 -27.14 19.75 2.98
CA THR A 131 -26.52 21.03 3.26
C THR A 131 -26.47 21.37 4.75
N GLU A 132 -27.11 20.59 5.61
CA GLU A 132 -27.21 20.93 7.02
C GLU A 132 -25.89 20.71 7.74
N ILE A 133 -25.12 19.71 7.31
CA ILE A 133 -23.86 19.33 7.92
C ILE A 133 -22.73 19.78 7.01
N ALA A 134 -21.93 20.74 7.48
CA ALA A 134 -20.76 21.23 6.78
C ALA A 134 -19.65 20.20 6.86
N TYR A 135 -18.66 20.34 5.97
CA TYR A 135 -17.56 19.40 5.96
C TYR A 135 -16.35 20.00 5.27
N GLY A 136 -15.18 19.53 5.65
CA GLY A 136 -13.95 20.20 5.24
C GLY A 136 -12.75 19.30 5.30
N THR A 137 -11.58 19.88 4.90
CA THR A 137 -10.33 19.13 4.90
C THR A 137 -9.23 19.98 5.51
N LEU A 138 -8.05 19.36 5.60
CA LEU A 138 -6.82 20.05 5.97
C LEU A 138 -6.29 20.91 4.82
N ASP A 139 -5.75 22.09 5.15
CA ASP A 139 -5.08 22.89 4.15
C ASP A 139 -3.70 22.30 3.82
N SER A 140 -3.23 22.59 2.61
CA SER A 140 -1.85 22.36 2.22
C SER A 140 -1.45 20.89 2.25
N GLY A 141 -2.41 20.00 2.01
CA GLY A 141 -2.17 18.58 2.08
C GLY A 141 -2.82 17.82 0.93
N SER A 142 -2.59 16.52 0.95
CA SER A 142 -3.03 15.71 -0.17
C SER A 142 -4.54 15.59 -0.21
N THR A 143 -5.23 15.68 0.93
CA THR A 143 -6.68 15.43 0.87
C THR A 143 -7.40 16.59 0.18
N LYS A 144 -6.93 17.84 0.39
CA LYS A 144 -7.60 18.97 -0.23
C LYS A 144 -7.43 18.90 -1.74
N GLU A 145 -6.22 18.57 -2.15
CA GLU A 145 -5.93 18.44 -3.58
C GLU A 145 -6.74 17.32 -4.22
N PHE A 146 -6.98 16.20 -3.50
CA PHE A 146 -7.81 15.11 -4.04
C PHE A 146 -9.16 15.63 -4.50
N PHE A 147 -9.81 16.42 -3.65
CA PHE A 147 -11.08 16.99 -3.99
C PHE A 147 -10.95 18.05 -5.07
N ARG A 148 -9.89 18.84 -5.03
CA ARG A 148 -9.76 19.89 -6.03
C ARG A 148 -9.69 19.26 -7.43
N ARG A 149 -9.02 18.12 -7.55
CA ARG A 149 -8.72 17.55 -8.87
C ARG A 149 -9.69 16.48 -9.31
N SER A 150 -10.45 15.89 -8.38
CA SER A 150 -11.24 14.71 -8.71
C SER A 150 -12.18 15.00 -9.85
N LYS A 151 -12.29 14.04 -10.77
CA LYS A 151 -13.32 14.07 -11.80
C LYS A 151 -14.52 13.21 -11.45
N ILE A 152 -14.54 12.56 -10.28
CA ILE A 152 -15.68 11.75 -9.91
C ILE A 152 -16.79 12.70 -9.44
N ALA A 153 -17.99 12.47 -9.97
CA ALA A 153 -19.09 13.41 -9.75
C ALA A 153 -19.32 13.71 -8.28
N VAL A 154 -19.38 12.68 -7.44
CA VAL A 154 -19.66 12.90 -6.01
C VAL A 154 -18.56 13.76 -5.37
N PHE A 155 -17.31 13.49 -5.72
CA PHE A 155 -16.21 14.19 -5.07
C PHE A 155 -16.08 15.59 -5.61
N ASP A 156 -16.32 15.76 -6.91
CA ASP A 156 -16.38 17.12 -7.45
C ASP A 156 -17.50 17.93 -6.80
N LYS A 157 -18.70 17.37 -6.72
CA LYS A 157 -19.76 18.09 -6.03
C LYS A 157 -19.30 18.59 -4.67
N MET A 158 -18.60 17.74 -3.93
CA MET A 158 -18.12 18.09 -2.59
C MET A 158 -17.13 19.27 -2.66
N TRP A 159 -16.13 19.18 -3.54
CA TRP A 159 -15.19 20.28 -3.71
C TRP A 159 -15.89 21.58 -4.06
N THR A 160 -16.83 21.53 -5.02
CA THR A 160 -17.51 22.76 -5.41
C THR A 160 -18.19 23.39 -4.20
N TYR A 161 -18.74 22.57 -3.29
CA TYR A 161 -19.32 23.12 -2.06
C TYR A 161 -18.21 23.62 -1.12
N MET A 162 -17.29 22.73 -0.74
CA MET A 162 -16.22 23.08 0.18
C MET A 162 -15.52 24.36 -0.26
N ARG A 163 -15.21 24.47 -1.55
CA ARG A 163 -14.33 25.56 -1.95
C ARG A 163 -14.98 26.92 -1.74
N SER A 164 -16.31 27.00 -1.76
CA SER A 164 -17.01 28.26 -1.66
C SER A 164 -17.72 28.45 -0.33
N ALA A 165 -17.61 27.50 0.59
CA ALA A 165 -18.40 27.59 1.82
C ALA A 165 -17.89 28.75 2.67
N GLU A 166 -18.81 29.34 3.44
CA GLU A 166 -18.55 30.49 4.29
C GLU A 166 -19.27 30.31 5.62
N PRO A 167 -18.57 30.30 6.73
CA PRO A 167 -17.14 30.45 6.89
C PRO A 167 -16.42 29.21 6.40
N SER A 168 -15.11 29.34 6.34
CA SER A 168 -14.24 28.34 5.73
C SER A 168 -14.41 26.99 6.41
N VAL A 169 -14.49 25.94 5.59
CA VAL A 169 -14.55 24.57 6.08
C VAL A 169 -13.15 23.96 6.23
N PHE A 170 -12.11 24.69 5.88
CA PHE A 170 -10.78 24.11 5.94
C PHE A 170 -10.09 24.50 7.23
N VAL A 171 -9.20 23.64 7.67
CA VAL A 171 -8.51 23.79 8.94
C VAL A 171 -7.01 23.78 8.70
N ARG A 172 -6.26 24.35 9.66
CA ARG A 172 -4.81 24.43 9.48
C ARG A 172 -4.08 23.21 10.06
N THR A 173 -4.72 22.47 10.95
CA THR A 173 -4.14 21.29 11.55
C THR A 173 -5.23 20.24 11.79
N THR A 174 -4.76 19.00 11.88
CA THR A 174 -5.68 17.91 12.18
C THR A 174 -6.37 18.14 13.51
N ALA A 175 -5.63 18.64 14.49
CA ALA A 175 -6.24 18.95 15.78
C ALA A 175 -7.44 19.87 15.64
N GLU A 176 -7.33 20.89 14.77
CA GLU A 176 -8.41 21.87 14.63
C GLU A 176 -9.61 21.27 13.90
N GLY A 177 -9.40 20.32 12.96
CA GLY A 177 -10.54 19.58 12.44
C GLY A 177 -11.22 18.67 13.47
N VAL A 178 -10.42 17.95 14.24
CA VAL A 178 -10.98 17.11 15.30
C VAL A 178 -11.81 17.97 16.24
N ALA A 179 -11.27 19.12 16.65
CA ALA A 179 -12.00 20.00 17.55
C ALA A 179 -13.32 20.47 16.92
N ARG A 180 -13.28 20.85 15.65
CA ARG A 180 -14.50 21.32 15.00
C ARG A 180 -15.58 20.23 14.97
N VAL A 181 -15.21 18.99 14.69
CA VAL A 181 -16.19 17.92 14.72
C VAL A 181 -16.81 17.84 16.11
N ARG A 182 -15.97 17.81 17.14
CA ARG A 182 -16.42 17.57 18.52
C ARG A 182 -17.30 18.68 19.03
N LYS A 183 -17.09 19.92 18.61
CA LYS A 183 -17.81 21.04 19.20
C LYS A 183 -18.98 21.54 18.37
N SER A 184 -19.23 20.92 17.22
CA SER A 184 -20.29 21.38 16.32
C SER A 184 -21.60 20.60 16.46
N LYS A 185 -21.72 19.72 17.43
CA LYS A 185 -22.99 19.02 17.71
C LYS A 185 -23.51 18.29 16.48
N GLY A 186 -22.58 17.75 15.70
CA GLY A 186 -22.89 16.96 14.53
C GLY A 186 -23.08 17.73 13.26
N LYS A 187 -22.86 19.04 13.27
CA LYS A 187 -23.03 19.86 12.09
C LYS A 187 -21.73 20.08 11.33
N TYR A 188 -20.66 19.38 11.69
CA TYR A 188 -19.41 19.41 10.94
C TYR A 188 -18.85 18.00 10.87
N ALA A 189 -18.39 17.63 9.68
CA ALA A 189 -17.77 16.35 9.43
C ALA A 189 -16.41 16.64 8.82
N TYR A 190 -15.42 15.85 9.20
CA TYR A 190 -14.05 16.12 8.82
C TYR A 190 -13.57 15.03 7.88
N LEU A 191 -13.00 15.44 6.75
CA LEU A 191 -12.34 14.54 5.81
C LEU A 191 -10.85 14.47 6.09
N LEU A 192 -10.35 13.27 6.39
CA LEU A 192 -8.96 13.11 6.86
C LEU A 192 -8.52 11.66 6.62
N GLU A 193 -7.20 11.44 6.67
CA GLU A 193 -6.71 10.12 6.29
C GLU A 193 -7.07 9.06 7.33
N SER A 194 -7.38 7.85 6.82
CA SER A 194 -7.91 6.77 7.64
C SER A 194 -7.06 6.49 8.87
N THR A 195 -5.75 6.54 8.71
CA THR A 195 -4.80 6.34 9.80
C THR A 195 -5.07 7.27 10.97
N MET A 196 -5.26 8.57 10.69
N MET A 196 -5.29 8.55 10.70
CA MET A 196 -5.47 9.54 11.77
CA MET A 196 -5.47 9.53 11.77
C MET A 196 -6.85 9.39 12.36
C MET A 196 -6.88 9.43 12.35
N ASN A 197 -7.86 9.20 11.50
CA ASN A 197 -9.22 8.90 11.92
C ASN A 197 -9.28 7.73 12.90
N GLU A 198 -8.69 6.59 12.49
CA GLU A 198 -8.62 5.42 13.36
C GLU A 198 -7.90 5.69 14.67
N TYR A 199 -6.84 6.50 14.63
CA TYR A 199 -6.16 6.84 15.88
C TYR A 199 -7.05 7.66 16.81
N ILE A 200 -7.67 8.71 16.27
CA ILE A 200 -8.53 9.58 17.07
C ILE A 200 -9.72 8.79 17.63
N GLU A 201 -10.25 7.82 16.87
CA GLU A 201 -11.40 7.04 17.33
C GLU A 201 -11.15 6.28 18.62
N GLN A 202 -9.89 5.93 18.91
CA GLN A 202 -9.55 5.22 20.13
C GLN A 202 -9.06 6.16 21.24
N ARG A 203 -9.27 7.46 21.11
CA ARG A 203 -8.86 8.44 22.12
C ARG A 203 -10.07 9.04 22.84
N LYS A 204 -9.90 9.31 24.14
CA LYS A 204 -10.96 9.98 24.88
C LYS A 204 -11.24 11.35 24.29
N PRO A 205 -12.47 11.86 24.41
CA PRO A 205 -13.63 11.23 25.04
C PRO A 205 -14.41 10.24 24.18
N CYS A 206 -13.80 9.62 23.17
CA CYS A 206 -14.44 8.58 22.38
C CYS A 206 -15.79 9.05 21.84
N ASP A 207 -15.82 10.28 21.33
CA ASP A 207 -17.03 10.84 20.74
C ASP A 207 -16.97 10.96 19.22
N THR A 208 -15.93 10.42 18.58
CA THR A 208 -15.85 10.44 17.13
C THR A 208 -15.83 9.01 16.60
N MET A 209 -16.23 8.89 15.34
CA MET A 209 -16.26 7.62 14.62
C MET A 209 -15.88 7.81 13.17
N LYS A 210 -15.16 6.83 12.62
CA LYS A 210 -14.94 6.74 11.17
C LYS A 210 -16.14 6.06 10.52
N VAL A 211 -16.62 6.61 9.40
CA VAL A 211 -17.79 6.05 8.75
C VAL A 211 -17.55 5.91 7.24
N GLY A 212 -18.17 4.90 6.65
CA GLY A 212 -18.07 4.67 5.22
C GLY A 212 -16.72 4.09 4.86
N GLY A 213 -16.61 3.64 3.60
CA GLY A 213 -15.35 3.15 3.07
C GLY A 213 -14.35 4.30 2.99
N ASN A 214 -13.14 3.94 2.57
CA ASN A 214 -12.12 4.92 2.21
C ASN A 214 -12.37 5.38 0.77
N LEU A 215 -12.08 6.65 0.51
CA LEU A 215 -12.42 7.23 -0.77
C LEU A 215 -11.35 6.94 -1.83
N ASP A 216 -10.15 6.60 -1.39
CA ASP A 216 -9.04 6.25 -2.26
C ASP A 216 -8.10 5.32 -1.49
N SER A 217 -7.00 4.94 -2.11
CA SER A 217 -6.00 4.07 -1.51
C SER A 217 -4.62 4.54 -1.96
N LYS A 218 -3.67 4.62 -1.02
CA LYS A 218 -2.37 5.20 -1.29
C LYS A 218 -1.49 4.90 -0.08
N GLY A 219 -0.31 5.56 -0.02
CA GLY A 219 0.60 5.29 1.08
C GLY A 219 1.43 6.50 1.43
N TYR A 220 2.08 6.41 2.60
CA TYR A 220 3.11 7.32 3.06
C TYR A 220 4.46 6.75 2.71
N GLY A 221 5.38 7.60 2.25
CA GLY A 221 6.75 7.20 2.07
C GLY A 221 7.69 8.17 2.76
N ILE A 222 8.92 7.73 2.92
CA ILE A 222 9.99 8.59 3.40
C ILE A 222 10.59 9.32 2.20
N ALA A 223 10.73 10.63 2.32
CA ALA A 223 11.06 11.46 1.18
C ALA A 223 12.47 12.03 1.31
N THR A 224 13.13 12.17 0.16
CA THR A 224 14.47 12.74 0.12
C THR A 224 14.53 13.72 -1.04
N PRO A 225 15.41 14.72 -0.98
CA PRO A 225 15.56 15.63 -2.13
C PRO A 225 16.19 14.87 -3.28
N LYS A 226 15.91 15.32 -4.50
CA LYS A 226 16.53 14.70 -5.66
C LYS A 226 18.05 14.78 -5.53
N GLY A 227 18.74 13.71 -5.99
CA GLY A 227 20.18 13.59 -5.86
C GLY A 227 20.68 13.11 -4.53
N SER A 228 19.79 12.91 -3.55
CA SER A 228 20.22 12.50 -2.23
C SER A 228 20.93 11.16 -2.23
N SER A 229 22.03 11.08 -1.46
CA SER A 229 22.76 9.83 -1.27
C SER A 229 21.95 8.84 -0.46
N LEU A 230 20.95 9.32 0.28
CA LEU A 230 20.20 8.49 1.21
C LEU A 230 19.08 7.70 0.53
N ARG A 231 18.77 8.04 -0.73
CA ARG A 231 17.59 7.51 -1.38
C ARG A 231 17.53 5.99 -1.35
N THR A 232 18.55 5.34 -1.86
CA THR A 232 18.51 3.88 -1.98
C THR A 232 18.67 3.18 -0.63
N PRO A 233 19.59 3.59 0.22
CA PRO A 233 19.63 2.98 1.56
C PRO A 233 18.30 3.04 2.32
N VAL A 234 17.64 4.19 2.30
CA VAL A 234 16.37 4.35 3.00
C VAL A 234 15.30 3.49 2.33
N ASN A 235 15.27 3.47 1.00
CA ASN A 235 14.27 2.63 0.33
C ASN A 235 14.40 1.18 0.77
N LEU A 236 15.62 0.67 0.83
CA LEU A 236 15.84 -0.70 1.24
C LEU A 236 15.59 -0.91 2.73
N ALA A 237 15.91 0.09 3.55
CA ALA A 237 15.61 -0.01 4.97
C ALA A 237 14.12 -0.18 5.19
N VAL A 238 13.30 0.60 4.47
CA VAL A 238 11.87 0.47 4.63
C VAL A 238 11.43 -0.94 4.30
N LEU A 239 11.97 -1.52 3.22
CA LEU A 239 11.54 -2.88 2.86
C LEU A 239 12.00 -3.90 3.89
N LYS A 240 13.23 -3.78 4.39
CA LYS A 240 13.67 -4.67 5.45
C LYS A 240 12.76 -4.56 6.65
N LEU A 241 12.45 -3.33 7.06
CA LEU A 241 11.59 -3.12 8.23
C LEU A 241 10.21 -3.68 8.00
N SER A 242 9.69 -3.55 6.77
CA SER A 242 8.39 -4.14 6.44
C SER A 242 8.42 -5.65 6.63
N GLU A 243 9.43 -6.31 6.05
CA GLU A 243 9.47 -7.77 6.04
C GLU A 243 9.85 -8.32 7.41
N GLN A 244 10.57 -7.55 8.21
CA GLN A 244 10.88 -7.98 9.56
C GLN A 244 9.67 -7.89 10.48
N GLY A 245 8.56 -7.31 10.01
CA GLY A 245 7.39 -7.11 10.87
C GLY A 245 7.48 -5.90 11.80
N VAL A 246 8.57 -5.15 11.74
CA VAL A 246 8.76 -3.99 12.60
C VAL A 246 7.75 -2.92 12.33
N LEU A 247 7.30 -2.77 11.08
CA LEU A 247 6.33 -1.73 10.78
C LEU A 247 4.98 -2.09 11.38
N ASP A 248 4.63 -3.38 11.37
CA ASP A 248 3.44 -3.84 12.08
C ASP A 248 3.57 -3.61 13.58
N LYS A 249 4.75 -3.86 14.15
CA LYS A 249 4.93 -3.70 15.60
C LYS A 249 4.73 -2.25 16.03
N LEU A 250 5.16 -1.30 15.20
CA LEU A 250 5.07 0.11 15.55
C LEU A 250 3.65 0.64 15.41
N LYS A 251 2.91 0.18 14.42
CA LYS A 251 1.52 0.60 14.31
C LYS A 251 0.77 0.23 15.57
N ASN A 252 0.92 -1.03 16.01
CA ASN A 252 0.22 -1.49 17.20
C ASN A 252 0.64 -0.69 18.42
N LYS A 253 1.95 -0.54 18.59
CA LYS A 253 2.44 0.23 19.73
C LYS A 253 1.68 1.55 19.85
N TRP A 254 1.59 2.30 18.77
CA TRP A 254 1.14 3.67 18.87
C TRP A 254 -0.34 3.91 18.64
N TRP A 255 -1.06 2.98 17.98
CA TRP A 255 -2.49 3.10 17.78
C TRP A 255 -3.28 2.36 18.86
N TYR A 256 -3.06 1.06 18.96
CA TYR A 256 -4.02 0.18 19.59
C TYR A 256 -3.62 -0.21 21.01
N ASP A 257 -2.35 -0.49 21.24
CA ASP A 257 -1.91 -0.68 22.62
C ASP A 257 -2.15 0.57 23.46
N LYS A 258 -2.27 1.74 22.82
CA LYS A 258 -2.55 2.99 23.55
C LYS A 258 -4.00 3.43 23.45
N GLY A 259 -4.88 2.64 22.83
CA GLY A 259 -6.29 2.96 22.80
C GLY A 259 -6.86 3.27 24.16
N GLU A 260 -7.46 4.46 24.33
CA GLU A 260 -8.11 4.88 25.57
C GLU A 260 -9.58 4.48 25.63
N CYS A 261 -10.15 4.05 24.52
CA CYS A 261 -11.54 3.65 24.47
C CYS A 261 -11.69 2.15 24.69
N GLY A 262 -10.60 1.47 25.04
CA GLY A 262 -10.54 0.04 25.25
C GLY A 262 -11.44 -0.48 26.35
N GLU A 301 -0.68 13.12 4.66
CA GLU A 301 -1.24 14.31 4.06
C GLU A 301 -0.16 14.90 3.18
N ASN B 3 11.61 3.34 -32.73
CA ASN B 3 11.50 2.91 -31.33
C ASN B 3 11.31 1.39 -31.25
N LYS B 4 11.58 0.81 -30.09
CA LYS B 4 11.51 -0.64 -29.93
C LYS B 4 10.18 -1.03 -29.32
N THR B 5 9.62 -2.13 -29.80
CA THR B 5 8.48 -2.71 -29.13
C THR B 5 8.93 -3.26 -27.79
N VAL B 6 8.21 -2.87 -26.76
CA VAL B 6 8.56 -3.17 -25.38
C VAL B 6 8.08 -4.57 -25.07
N VAL B 7 8.95 -5.43 -24.56
CA VAL B 7 8.56 -6.81 -24.26
C VAL B 7 8.11 -6.88 -22.81
N VAL B 8 6.83 -7.25 -22.60
CA VAL B 8 6.18 -7.29 -21.28
C VAL B 8 6.06 -8.74 -20.90
N THR B 9 6.81 -9.15 -19.89
CA THR B 9 6.63 -10.46 -19.32
C THR B 9 5.47 -10.38 -18.32
N THR B 10 4.60 -11.39 -18.36
CA THR B 10 3.49 -11.46 -17.39
C THR B 10 3.20 -12.94 -17.15
N ILE B 11 2.19 -13.21 -16.33
CA ILE B 11 1.90 -14.58 -15.92
C ILE B 11 0.39 -14.84 -16.02
N LEU B 12 0.03 -16.09 -16.30
CA LEU B 12 -1.38 -16.44 -16.36
C LEU B 12 -1.89 -16.65 -14.93
N GLU B 13 -2.67 -15.69 -14.44
CA GLU B 13 -3.16 -15.67 -13.06
C GLU B 13 -4.49 -14.93 -13.05
N SER B 14 -5.65 -15.63 -12.72
CA SER B 14 -6.89 -14.90 -12.77
C SER B 14 -7.01 -13.97 -11.57
N PRO B 15 -7.61 -12.79 -11.73
CA PRO B 15 -8.16 -12.13 -12.93
C PRO B 15 -7.19 -11.18 -13.57
N TYR B 16 -5.92 -11.35 -13.28
CA TYR B 16 -4.94 -10.42 -13.79
C TYR B 16 -4.64 -10.64 -15.28
N VAL B 17 -4.33 -11.87 -15.65
CA VAL B 17 -4.17 -12.20 -17.07
C VAL B 17 -4.81 -13.55 -17.32
N MET B 18 -5.59 -13.62 -18.39
CA MET B 18 -6.48 -14.74 -18.67
C MET B 18 -6.58 -14.91 -20.19
N MET B 19 -6.67 -16.19 -20.63
CA MET B 19 -6.87 -16.45 -22.06
C MET B 19 -8.31 -16.12 -22.42
N LYS B 20 -8.50 -15.35 -23.48
CA LYS B 20 -9.87 -15.05 -23.92
C LYS B 20 -10.56 -16.33 -24.43
N LYS B 21 -11.90 -16.33 -24.44
CA LYS B 21 -12.64 -17.49 -24.91
C LYS B 21 -11.98 -18.18 -26.10
N ASN B 22 -12.03 -17.58 -27.29
CA ASN B 22 -11.62 -18.30 -28.49
C ASN B 22 -10.16 -17.99 -28.85
N HIS B 23 -9.31 -17.93 -27.81
CA HIS B 23 -7.95 -17.42 -27.99
C HIS B 23 -7.16 -18.17 -29.07
N GLU B 24 -7.48 -19.45 -29.34
CA GLU B 24 -6.60 -20.24 -30.21
C GLU B 24 -6.57 -19.69 -31.64
N MET B 25 -7.60 -18.94 -32.03
CA MET B 25 -7.55 -18.24 -33.31
C MET B 25 -7.11 -16.80 -33.16
N LEU B 26 -6.89 -16.33 -31.94
CA LEU B 26 -6.52 -14.94 -31.74
C LEU B 26 -5.01 -14.86 -31.78
N GLU B 27 -4.52 -13.62 -31.86
CA GLU B 27 -3.13 -13.36 -32.13
C GLU B 27 -2.60 -12.21 -31.28
N GLY B 28 -1.38 -12.39 -30.79
CA GLY B 28 -0.70 -11.29 -30.14
C GLY B 28 -1.38 -10.91 -28.84
N ASN B 29 -1.32 -9.61 -28.52
CA ASN B 29 -1.89 -9.16 -27.25
C ASN B 29 -3.35 -9.51 -27.16
N GLU B 30 -4.05 -9.59 -28.29
CA GLU B 30 -5.50 -9.81 -28.29
C GLU B 30 -5.92 -11.17 -27.71
N ARG B 31 -4.99 -12.08 -27.40
CA ARG B 31 -5.35 -13.37 -26.85
C ARG B 31 -5.81 -13.25 -25.41
N TYR B 32 -5.38 -12.20 -24.74
CA TYR B 32 -5.45 -12.11 -23.28
C TYR B 32 -6.38 -10.99 -22.84
N GLU B 33 -7.01 -11.23 -21.68
CA GLU B 33 -7.81 -10.23 -21.02
C GLU B 33 -7.48 -10.21 -19.53
N GLY B 34 -7.83 -9.10 -18.87
CA GLY B 34 -7.79 -9.01 -17.41
C GLY B 34 -7.15 -7.72 -16.94
N TYR B 35 -7.02 -7.65 -15.59
CA TYR B 35 -6.61 -6.42 -14.92
C TYR B 35 -5.23 -5.94 -15.41
N CYS B 36 -4.23 -6.84 -15.41
CA CYS B 36 -2.91 -6.45 -15.92
C CYS B 36 -2.91 -6.22 -17.42
N VAL B 37 -3.74 -6.89 -18.17
CA VAL B 37 -3.82 -6.57 -19.59
C VAL B 37 -4.33 -5.15 -19.78
N ASP B 38 -5.29 -4.74 -18.95
CA ASP B 38 -5.76 -3.38 -19.08
C ASP B 38 -4.67 -2.43 -18.56
N LEU B 39 -4.04 -2.80 -17.46
CA LEU B 39 -3.04 -1.94 -16.84
C LEU B 39 -1.91 -1.68 -17.83
N ALA B 40 -1.44 -2.75 -18.51
CA ALA B 40 -0.42 -2.60 -19.53
C ALA B 40 -0.83 -1.57 -20.56
N ALA B 41 -2.05 -1.69 -21.07
CA ALA B 41 -2.50 -0.72 -22.05
C ALA B 41 -2.48 0.70 -21.48
N GLU B 42 -2.98 0.86 -20.25
CA GLU B 42 -2.92 2.16 -19.58
C GLU B 42 -1.49 2.69 -19.48
N ILE B 43 -0.55 1.88 -18.97
CA ILE B 43 0.83 2.34 -18.81
C ILE B 43 1.39 2.73 -20.16
N ALA B 44 1.22 1.86 -21.16
CA ALA B 44 1.79 2.09 -22.48
C ALA B 44 1.25 3.38 -23.09
N LYS B 45 -0.03 3.68 -22.88
CA LYS B 45 -0.63 4.91 -23.37
C LYS B 45 0.10 6.10 -22.79
N HIS B 46 0.18 6.15 -21.47
CA HIS B 46 0.74 7.32 -20.81
C HIS B 46 2.22 7.48 -21.07
N CYS B 47 2.93 6.38 -21.36
CA CYS B 47 4.36 6.37 -21.65
C CYS B 47 4.68 6.33 -23.15
N GLY B 48 3.68 6.20 -24.01
CA GLY B 48 3.93 6.21 -25.44
C GLY B 48 4.87 5.13 -25.93
N PHE B 49 4.56 3.86 -25.69
CA PHE B 49 5.31 2.77 -26.32
C PHE B 49 4.36 1.68 -26.83
N LYS B 50 4.85 0.97 -27.84
CA LYS B 50 4.20 -0.24 -28.35
C LYS B 50 4.74 -1.40 -27.52
N TYR B 51 3.91 -2.43 -27.31
CA TYR B 51 4.35 -3.52 -26.47
C TYR B 51 3.76 -4.84 -26.93
N LYS B 52 4.42 -5.91 -26.50
CA LYS B 52 4.00 -7.27 -26.76
C LYS B 52 3.96 -8.05 -25.46
N LEU B 53 2.75 -8.49 -25.08
CA LEU B 53 2.58 -9.36 -23.94
C LEU B 53 3.13 -10.76 -24.23
N THR B 54 3.97 -11.24 -23.32
CA THR B 54 4.52 -12.59 -23.42
C THR B 54 4.37 -13.28 -22.08
N ILE B 55 3.75 -14.47 -22.08
CA ILE B 55 3.60 -15.21 -20.83
C ILE B 55 4.93 -15.85 -20.47
N VAL B 56 5.27 -15.75 -19.19
CA VAL B 56 6.56 -16.21 -18.69
C VAL B 56 6.74 -17.69 -18.95
N GLY B 57 7.89 -18.06 -19.50
CA GLY B 57 8.05 -19.43 -19.99
C GLY B 57 7.84 -20.49 -18.94
N ASP B 58 8.39 -20.28 -17.75
CA ASP B 58 8.33 -21.31 -16.73
C ASP B 58 7.14 -21.13 -15.80
N GLY B 59 6.27 -20.17 -16.08
CA GLY B 59 5.08 -19.97 -15.26
C GLY B 59 5.30 -19.61 -13.82
N LYS B 60 6.46 -19.05 -13.48
CA LYS B 60 6.75 -18.66 -12.10
C LYS B 60 6.88 -17.14 -11.95
N TYR B 61 6.61 -16.69 -10.72
CA TYR B 61 6.80 -15.28 -10.35
C TYR B 61 8.28 -14.95 -10.30
N GLY B 62 9.04 -15.72 -9.52
CA GLY B 62 10.46 -15.67 -9.52
C GLY B 62 11.15 -15.76 -8.19
N ALA B 63 12.05 -16.74 -8.09
CA ALA B 63 12.89 -17.00 -6.96
C ALA B 63 14.31 -17.29 -7.44
N ARG B 64 15.28 -17.11 -6.52
CA ARG B 64 16.68 -17.38 -6.81
C ARG B 64 17.07 -18.74 -6.25
N ASP B 65 17.32 -19.70 -7.15
CA ASP B 65 17.83 -21.02 -6.79
C ASP B 65 18.91 -20.91 -5.73
N ALA B 66 18.81 -21.77 -4.70
CA ALA B 66 19.82 -21.77 -3.66
C ALA B 66 21.10 -22.41 -4.15
N ASP B 67 20.99 -23.50 -4.91
CA ASP B 67 22.14 -24.11 -5.57
C ASP B 67 22.86 -23.08 -6.44
N THR B 68 22.32 -22.83 -7.64
CA THR B 68 23.04 -22.08 -8.66
C THR B 68 22.91 -20.56 -8.53
N LYS B 69 22.06 -20.05 -7.65
CA LYS B 69 21.85 -18.61 -7.53
C LYS B 69 21.39 -18.00 -8.86
N ILE B 70 20.55 -18.72 -9.60
CA ILE B 70 19.99 -18.24 -10.86
C ILE B 70 18.51 -17.95 -10.67
N TRP B 71 18.06 -16.79 -11.16
CA TRP B 71 16.68 -16.35 -11.00
C TRP B 71 15.79 -17.01 -12.02
N ASN B 72 14.67 -17.55 -11.56
CA ASN B 72 13.64 -18.07 -12.44
C ASN B 72 12.47 -17.09 -12.49
N GLY B 73 11.43 -17.49 -13.19
CA GLY B 73 10.27 -16.69 -13.32
C GLY B 73 10.43 -15.37 -14.05
N MET B 74 9.50 -14.49 -13.70
CA MET B 74 9.36 -13.18 -14.32
C MET B 74 10.55 -12.33 -13.93
N VAL B 75 11.01 -12.51 -12.69
CA VAL B 75 12.20 -11.80 -12.22
C VAL B 75 13.40 -12.21 -13.08
N GLY B 76 13.53 -13.51 -13.38
CA GLY B 76 14.59 -13.99 -14.25
C GLY B 76 14.54 -13.38 -15.65
N GLU B 77 13.35 -13.29 -16.22
CA GLU B 77 13.25 -12.72 -17.57
C GLU B 77 13.76 -11.29 -17.62
N LEU B 78 13.52 -10.54 -16.53
CA LEU B 78 14.03 -9.17 -16.44
C LEU B 78 15.52 -9.15 -16.17
N VAL B 79 16.00 -10.04 -15.28
CA VAL B 79 17.38 -9.97 -14.81
C VAL B 79 18.32 -10.39 -15.93
N TYR B 80 17.91 -11.28 -16.78
CA TYR B 80 18.78 -11.80 -17.84
C TYR B 80 18.50 -11.16 -19.21
N GLY B 81 17.75 -10.06 -19.26
CA GLY B 81 17.54 -9.37 -20.52
C GLY B 81 16.50 -9.94 -21.45
N LYS B 82 15.66 -10.88 -20.97
CA LYS B 82 14.64 -11.51 -21.81
C LYS B 82 13.42 -10.62 -21.99
N ALA B 83 13.06 -9.81 -20.98
CA ALA B 83 11.95 -8.89 -21.15
C ALA B 83 12.32 -7.52 -20.62
N ASP B 84 11.54 -6.52 -21.06
CA ASP B 84 11.85 -5.12 -20.74
C ASP B 84 11.04 -4.60 -19.56
N ILE B 85 9.90 -5.23 -19.28
CA ILE B 85 9.06 -4.81 -18.16
C ILE B 85 8.22 -6.02 -17.74
N ALA B 86 7.84 -6.06 -16.48
CA ALA B 86 6.97 -7.08 -15.93
C ALA B 86 5.71 -6.34 -15.46
N ILE B 87 4.54 -6.74 -15.99
CA ILE B 87 3.26 -6.14 -15.63
C ILE B 87 2.37 -7.29 -15.15
N ALA B 88 2.32 -7.48 -13.84
CA ALA B 88 1.88 -8.71 -13.22
C ALA B 88 1.59 -8.43 -11.76
N PRO B 89 0.89 -9.31 -11.08
CA PRO B 89 0.80 -9.25 -9.62
C PRO B 89 2.09 -9.70 -8.96
N LEU B 90 3.13 -8.90 -9.18
CA LEU B 90 4.48 -9.20 -8.73
C LEU B 90 4.80 -8.42 -7.45
N THR B 91 5.11 -9.13 -6.39
CA THR B 91 5.21 -8.54 -5.06
C THR B 91 6.54 -7.83 -4.85
N ILE B 92 6.44 -6.61 -4.36
CA ILE B 92 7.62 -5.83 -3.98
C ILE B 92 8.29 -6.48 -2.78
N THR B 93 9.55 -6.88 -2.95
CA THR B 93 10.35 -7.43 -1.87
C THR B 93 11.75 -6.84 -1.88
N LEU B 94 12.40 -6.94 -0.71
CA LEU B 94 13.77 -6.46 -0.57
C LEU B 94 14.70 -7.17 -1.56
N VAL B 95 14.69 -8.52 -1.55
CA VAL B 95 15.68 -9.18 -2.39
C VAL B 95 15.40 -8.89 -3.85
N ARG B 96 14.13 -8.75 -4.23
CA ARG B 96 13.84 -8.37 -5.62
C ARG B 96 14.30 -6.94 -5.92
N GLU B 97 14.03 -5.99 -4.99
CA GLU B 97 14.46 -4.61 -5.17
C GLU B 97 15.97 -4.51 -5.31
N GLU B 98 16.70 -5.50 -4.81
CA GLU B 98 18.16 -5.54 -4.97
C GLU B 98 18.60 -5.87 -6.39
N VAL B 99 17.73 -6.49 -7.20
CA VAL B 99 18.16 -6.89 -8.54
C VAL B 99 17.27 -6.36 -9.66
N ILE B 100 16.07 -5.85 -9.35
CA ILE B 100 15.27 -5.12 -10.32
C ILE B 100 14.74 -3.85 -9.65
N ASP B 101 14.14 -2.96 -10.46
CA ASP B 101 13.39 -1.79 -9.96
C ASP B 101 11.88 -2.04 -9.97
N PHE B 102 11.18 -1.44 -9.01
CA PHE B 102 9.71 -1.55 -8.90
C PHE B 102 9.12 -0.15 -8.86
N SER B 103 8.01 0.05 -9.56
CA SER B 103 7.20 1.25 -9.40
C SER B 103 6.63 1.31 -8.00
N LYS B 104 6.15 2.49 -7.61
CA LYS B 104 5.28 2.57 -6.45
C LYS B 104 4.18 1.52 -6.68
N PRO B 105 3.60 0.98 -5.63
CA PRO B 105 2.59 -0.09 -5.83
C PRO B 105 1.36 0.47 -6.50
N PHE B 106 0.75 -0.39 -7.33
CA PHE B 106 -0.55 -0.18 -7.90
C PHE B 106 -1.67 -0.95 -7.16
N MET B 107 -1.33 -1.84 -6.21
CA MET B 107 -2.31 -2.62 -5.48
C MET B 107 -1.73 -3.06 -4.15
N SER B 108 -2.54 -3.03 -3.09
CA SER B 108 -2.10 -3.61 -1.83
C SER B 108 -2.61 -5.04 -1.67
N LEU B 109 -1.86 -5.84 -0.91
CA LEU B 109 -2.25 -7.19 -0.53
C LEU B 109 -1.54 -7.59 0.75
N GLY B 110 -1.95 -8.75 1.27
CA GLY B 110 -1.27 -9.44 2.36
C GLY B 110 -1.50 -10.93 2.18
N ILE B 111 -0.58 -11.73 2.73
CA ILE B 111 -0.75 -13.18 2.75
C ILE B 111 -2.03 -13.51 3.54
N SER B 112 -2.78 -14.51 3.08
CA SER B 112 -4.05 -14.85 3.72
C SER B 112 -4.27 -16.36 3.69
N ILE B 113 -5.28 -16.81 4.44
CA ILE B 113 -5.61 -18.23 4.52
C ILE B 113 -6.87 -18.50 3.70
N MET B 114 -6.79 -19.48 2.79
CA MET B 114 -7.97 -20.03 2.15
C MET B 114 -8.32 -21.40 2.73
N ILE B 115 -9.60 -21.58 3.08
CA ILE B 115 -10.16 -22.83 3.56
C ILE B 115 -11.35 -23.23 2.71
N LYS B 116 -11.57 -24.52 2.59
CA LYS B 116 -12.87 -25.01 2.17
C LYS B 116 -13.92 -24.69 3.25
N LYS B 117 -15.04 -24.10 2.83
CA LYS B 117 -16.06 -23.66 3.79
C LYS B 117 -16.37 -24.76 4.81
N GLY B 118 -16.35 -24.38 6.08
CA GLY B 118 -16.63 -25.28 7.18
C GLY B 118 -15.41 -25.92 7.77
N THR B 119 -14.24 -25.56 7.30
CA THR B 119 -13.04 -26.10 7.90
C THR B 119 -12.82 -25.44 9.27
N PRO B 120 -12.46 -26.20 10.29
CA PRO B 120 -12.33 -25.63 11.64
C PRO B 120 -11.00 -24.90 11.81
N ILE B 121 -10.86 -23.78 11.13
CA ILE B 121 -9.65 -22.96 11.18
C ILE B 121 -10.08 -21.51 11.08
N GLU B 122 -9.41 -20.63 11.82
CA GLU B 122 -9.68 -19.21 11.66
C GLU B 122 -8.42 -18.34 11.77
N SER B 123 -7.25 -18.92 12.02
CA SER B 123 -6.03 -18.13 12.14
C SER B 123 -4.84 -18.96 11.70
N ALA B 124 -3.74 -18.28 11.38
CA ALA B 124 -2.47 -18.97 11.19
C ALA B 124 -2.10 -19.77 12.44
N GLU B 125 -2.32 -19.20 13.63
CA GLU B 125 -2.00 -19.93 14.85
C GLU B 125 -2.78 -21.24 14.90
N ASP B 126 -4.05 -21.21 14.51
CA ASP B 126 -4.84 -22.44 14.45
C ASP B 126 -4.15 -23.49 13.58
N LEU B 127 -3.63 -23.06 12.43
CA LEU B 127 -2.97 -23.99 11.53
C LEU B 127 -1.75 -24.61 12.21
N SER B 128 -0.94 -23.76 12.86
CA SER B 128 0.31 -24.21 13.45
C SER B 128 0.11 -25.23 14.54
N LYS B 129 -1.05 -25.24 15.18
CA LYS B 129 -1.27 -26.02 16.38
C LYS B 129 -1.99 -27.34 16.13
N GLN B 130 -2.20 -27.71 14.86
CA GLN B 130 -2.84 -28.97 14.50
C GLN B 130 -2.07 -29.64 13.38
N THR B 131 -2.42 -30.91 13.13
CA THR B 131 -1.78 -31.72 12.11
C THR B 131 -2.79 -32.45 11.22
N GLU B 132 -4.08 -32.39 11.53
CA GLU B 132 -5.09 -33.04 10.71
C GLU B 132 -5.13 -32.43 9.31
N ILE B 133 -5.16 -31.11 9.24
CA ILE B 133 -5.38 -30.38 8.02
C ILE B 133 -4.03 -29.92 7.51
N ALA B 134 -3.70 -30.27 6.26
CA ALA B 134 -2.43 -29.87 5.69
C ALA B 134 -2.54 -28.47 5.12
N TYR B 135 -1.39 -27.87 4.82
CA TYR B 135 -1.45 -26.55 4.22
C TYR B 135 -0.12 -26.25 3.55
N GLY B 136 -0.18 -25.43 2.48
CA GLY B 136 1.02 -25.05 1.76
C GLY B 136 0.88 -23.74 1.00
N THR B 137 1.86 -23.52 0.10
CA THR B 137 1.97 -22.27 -0.61
C THR B 137 2.44 -22.53 -2.02
N LEU B 138 2.37 -21.50 -2.84
CA LEU B 138 2.91 -21.52 -4.18
C LEU B 138 4.43 -21.65 -4.15
N ASP B 139 4.98 -22.39 -5.12
CA ASP B 139 6.42 -22.43 -5.36
C ASP B 139 6.91 -21.14 -6.00
N SER B 140 8.18 -20.81 -5.73
CA SER B 140 8.91 -19.77 -6.45
C SER B 140 8.25 -18.40 -6.33
N GLY B 141 7.60 -18.12 -5.20
CA GLY B 141 7.00 -16.80 -5.03
C GLY B 141 7.35 -16.14 -3.72
N SER B 142 6.72 -14.99 -3.44
CA SER B 142 6.96 -14.28 -2.17
C SER B 142 6.32 -14.94 -0.97
N THR B 143 5.25 -15.71 -1.14
CA THR B 143 4.62 -16.28 0.05
C THR B 143 5.49 -17.38 0.65
N LYS B 144 5.97 -18.30 -0.17
CA LYS B 144 6.86 -19.33 0.36
C LYS B 144 8.05 -18.67 1.04
N GLU B 145 8.54 -17.58 0.45
CA GLU B 145 9.73 -16.95 1.00
C GLU B 145 9.45 -16.27 2.32
N PHE B 146 8.26 -15.71 2.47
CA PHE B 146 7.84 -15.15 3.75
C PHE B 146 7.92 -16.17 4.87
N PHE B 147 7.56 -17.41 4.61
CA PHE B 147 7.63 -18.42 5.66
C PHE B 147 9.04 -18.97 5.84
N ARG B 148 9.80 -19.09 4.74
CA ARG B 148 11.16 -19.59 4.87
C ARG B 148 11.98 -18.69 5.80
N ARG B 149 11.73 -17.38 5.77
CA ARG B 149 12.54 -16.42 6.51
C ARG B 149 11.90 -15.89 7.78
N SER B 150 10.61 -16.06 7.99
CA SER B 150 10.01 -15.43 9.15
C SER B 150 10.62 -15.96 10.43
N LYS B 151 10.82 -15.05 11.36
CA LYS B 151 11.23 -15.37 12.71
C LYS B 151 10.04 -15.43 13.65
N ILE B 152 8.87 -14.95 13.21
CA ILE B 152 7.67 -14.97 14.04
C ILE B 152 7.31 -16.41 14.36
N ALA B 153 7.12 -16.69 15.66
CA ALA B 153 6.95 -18.05 16.15
C ALA B 153 6.02 -18.90 15.28
N VAL B 154 4.75 -18.50 15.20
CA VAL B 154 3.76 -19.28 14.47
C VAL B 154 4.17 -19.47 13.01
N PHE B 155 4.75 -18.42 12.41
CA PHE B 155 5.10 -18.47 10.99
C PHE B 155 6.31 -19.36 10.77
N ASP B 156 7.24 -19.37 11.72
CA ASP B 156 8.36 -20.30 11.63
C ASP B 156 7.89 -21.73 11.88
N LYS B 157 6.98 -21.91 12.83
CA LYS B 157 6.42 -23.24 13.10
C LYS B 157 5.78 -23.80 11.84
N MET B 158 4.99 -22.98 11.14
CA MET B 158 4.38 -23.43 9.89
C MET B 158 5.42 -23.76 8.83
N TRP B 159 6.52 -22.99 8.74
CA TRP B 159 7.50 -23.32 7.71
C TRP B 159 8.14 -24.67 7.97
N THR B 160 8.56 -24.92 9.21
CA THR B 160 9.13 -26.22 9.56
C THR B 160 8.21 -27.37 9.15
N TYR B 161 6.91 -27.21 9.31
CA TYR B 161 6.00 -28.29 8.88
C TYR B 161 6.02 -28.39 7.36
N MET B 162 5.75 -27.28 6.69
CA MET B 162 5.50 -27.31 5.26
C MET B 162 6.70 -27.83 4.50
N ARG B 163 7.90 -27.44 4.93
CA ARG B 163 9.10 -27.75 4.16
C ARG B 163 9.41 -29.24 4.15
N SER B 164 8.93 -29.99 5.14
CA SER B 164 9.22 -31.41 5.26
C SER B 164 8.00 -32.30 5.05
N ALA B 165 6.85 -31.76 4.68
CA ALA B 165 5.63 -32.54 4.59
C ALA B 165 5.63 -33.41 3.35
N GLU B 166 5.23 -34.68 3.52
CA GLU B 166 5.17 -35.64 2.43
C GLU B 166 3.78 -36.26 2.35
N PRO B 167 3.13 -36.23 1.18
CA PRO B 167 3.58 -35.65 -0.10
C PRO B 167 3.73 -34.13 -0.06
N SER B 168 4.26 -33.51 -1.13
CA SER B 168 4.46 -32.06 -1.13
C SER B 168 3.15 -31.31 -0.86
N VAL B 169 3.23 -30.29 0.00
CA VAL B 169 2.13 -29.34 0.15
C VAL B 169 2.27 -28.13 -0.79
N PHE B 170 3.43 -27.95 -1.42
CA PHE B 170 3.58 -26.84 -2.36
C PHE B 170 2.94 -27.17 -3.71
N VAL B 171 2.53 -26.11 -4.41
CA VAL B 171 1.89 -26.21 -5.70
C VAL B 171 2.60 -25.30 -6.69
N ARG B 172 2.37 -25.58 -7.97
CA ARG B 172 3.03 -24.88 -9.06
C ARG B 172 2.29 -23.61 -9.47
N THR B 173 0.99 -23.58 -9.28
CA THR B 173 0.10 -22.53 -9.75
C THR B 173 -0.97 -22.32 -8.69
N THR B 174 -1.47 -21.08 -8.60
CA THR B 174 -2.56 -20.79 -7.66
C THR B 174 -3.76 -21.67 -7.96
N ALA B 175 -4.03 -21.90 -9.25
CA ALA B 175 -5.20 -22.69 -9.64
C ALA B 175 -5.11 -24.10 -9.08
N GLU B 176 -3.90 -24.65 -9.00
CA GLU B 176 -3.69 -25.97 -8.42
C GLU B 176 -3.92 -25.93 -6.92
N GLY B 177 -3.54 -24.82 -6.30
CA GLY B 177 -3.77 -24.70 -4.88
C GLY B 177 -5.25 -24.68 -4.54
N VAL B 178 -6.04 -23.93 -5.30
CA VAL B 178 -7.47 -23.85 -5.03
C VAL B 178 -8.12 -25.20 -5.28
N ALA B 179 -7.82 -25.80 -6.42
CA ALA B 179 -8.36 -27.13 -6.73
C ALA B 179 -8.10 -28.10 -5.59
N ARG B 180 -6.92 -28.03 -4.98
CA ARG B 180 -6.61 -28.91 -3.86
C ARG B 180 -7.52 -28.60 -2.67
N VAL B 181 -7.60 -27.32 -2.28
CA VAL B 181 -8.52 -26.97 -1.19
C VAL B 181 -9.90 -27.50 -1.51
N ARG B 182 -10.31 -27.32 -2.77
CA ARG B 182 -11.65 -27.72 -3.18
C ARG B 182 -11.82 -29.24 -3.13
N LYS B 183 -10.79 -30.00 -3.51
CA LYS B 183 -10.88 -31.45 -3.59
C LYS B 183 -10.58 -32.16 -2.27
N SER B 184 -9.98 -31.48 -1.31
CA SER B 184 -9.47 -32.14 -0.10
C SER B 184 -10.48 -32.33 1.03
N LYS B 185 -11.78 -32.16 0.76
CA LYS B 185 -12.83 -32.36 1.78
C LYS B 185 -12.50 -31.67 3.10
N GLY B 186 -11.84 -30.52 3.03
CA GLY B 186 -11.46 -29.78 4.21
C GLY B 186 -10.14 -30.16 4.84
N LYS B 187 -9.33 -30.99 4.20
CA LYS B 187 -8.04 -31.39 4.77
C LYS B 187 -6.85 -30.68 4.13
N TYR B 188 -7.09 -29.62 3.36
CA TYR B 188 -6.02 -28.79 2.81
C TYR B 188 -6.45 -27.34 2.90
N ALA B 189 -5.66 -26.51 3.60
CA ALA B 189 -5.77 -25.06 3.53
C ALA B 189 -4.58 -24.46 2.76
N TYR B 190 -4.83 -23.34 2.11
CA TYR B 190 -3.90 -22.78 1.14
C TYR B 190 -3.53 -21.36 1.55
N LEU B 191 -2.24 -21.08 1.56
CA LEU B 191 -1.73 -19.76 1.95
C LEU B 191 -1.45 -18.99 0.68
N LEU B 192 -2.18 -17.89 0.46
CA LEU B 192 -2.08 -17.10 -0.75
C LEU B 192 -2.40 -15.63 -0.49
N GLU B 193 -2.13 -14.82 -1.50
CA GLU B 193 -2.35 -13.39 -1.38
C GLU B 193 -3.84 -13.06 -1.39
N SER B 194 -4.21 -12.09 -0.57
CA SER B 194 -5.60 -11.81 -0.27
C SER B 194 -6.39 -11.39 -1.50
N THR B 195 -5.71 -10.70 -2.43
CA THR B 195 -6.26 -10.36 -3.73
C THR B 195 -6.80 -11.58 -4.45
N MET B 196 -5.97 -12.63 -4.55
N MET B 196 -5.99 -12.65 -4.50
CA MET B 196 -6.41 -13.86 -5.23
CA MET B 196 -6.40 -13.86 -5.21
C MET B 196 -7.47 -14.58 -4.40
C MET B 196 -7.44 -14.62 -4.40
N ASN B 197 -7.28 -14.65 -3.08
CA ASN B 197 -8.27 -15.26 -2.18
C ASN B 197 -9.64 -14.61 -2.34
N GLU B 198 -9.66 -13.27 -2.37
CA GLU B 198 -10.88 -12.52 -2.47
C GLU B 198 -11.53 -12.66 -3.84
N TYR B 199 -10.73 -12.86 -4.91
CA TYR B 199 -11.31 -13.15 -6.20
C TYR B 199 -11.95 -14.54 -6.19
N ILE B 200 -11.22 -15.55 -5.72
CA ILE B 200 -11.71 -16.91 -5.76
C ILE B 200 -13.00 -17.01 -4.96
N GLU B 201 -13.12 -16.22 -3.90
CA GLU B 201 -14.27 -16.31 -3.00
C GLU B 201 -15.57 -15.93 -3.68
N GLN B 202 -15.50 -15.18 -4.80
CA GLN B 202 -16.67 -14.78 -5.55
C GLN B 202 -16.79 -15.53 -6.87
N ARG B 203 -16.23 -16.74 -6.96
CA ARG B 203 -16.34 -17.56 -8.16
C ARG B 203 -17.05 -18.87 -7.82
N LYS B 204 -17.97 -19.31 -8.68
CA LYS B 204 -18.62 -20.59 -8.45
C LYS B 204 -17.55 -21.69 -8.45
N PRO B 205 -17.70 -22.73 -7.63
CA PRO B 205 -18.87 -23.09 -6.82
C PRO B 205 -18.97 -22.45 -5.43
N CYS B 206 -18.26 -21.33 -5.20
CA CYS B 206 -18.44 -20.56 -3.98
C CYS B 206 -18.23 -21.43 -2.75
N ASP B 207 -17.29 -22.37 -2.80
CA ASP B 207 -17.03 -23.28 -1.69
C ASP B 207 -15.75 -22.95 -0.89
N THR B 208 -15.11 -21.82 -1.16
CA THR B 208 -13.92 -21.42 -0.41
C THR B 208 -14.20 -20.14 0.37
N MET B 209 -13.27 -19.80 1.27
CA MET B 209 -13.46 -18.69 2.19
C MET B 209 -12.11 -18.19 2.68
N LYS B 210 -11.94 -16.85 2.71
CA LYS B 210 -10.83 -16.24 3.43
C LYS B 210 -11.16 -16.17 4.93
N VAL B 211 -10.25 -16.67 5.76
CA VAL B 211 -10.44 -16.61 7.21
C VAL B 211 -9.28 -15.87 7.86
N GLY B 212 -9.59 -15.16 8.93
CA GLY B 212 -8.59 -14.43 9.68
C GLY B 212 -8.15 -13.18 8.94
N GLY B 213 -7.27 -12.43 9.60
CA GLY B 213 -6.69 -11.26 9.00
C GLY B 213 -5.42 -11.60 8.25
N ASN B 214 -5.02 -10.70 7.37
CA ASN B 214 -3.79 -10.90 6.62
C ASN B 214 -2.61 -11.06 7.57
N LEU B 215 -1.60 -11.79 7.11
CA LEU B 215 -0.42 -12.03 7.91
C LEU B 215 0.63 -10.93 7.76
N ASP B 216 0.67 -10.26 6.60
CA ASP B 216 1.59 -9.16 6.37
C ASP B 216 0.90 -8.12 5.50
N SER B 217 1.61 -7.02 5.21
CA SER B 217 1.13 -5.91 4.39
C SER B 217 2.18 -5.49 3.36
N LYS B 218 1.82 -5.53 2.09
CA LYS B 218 2.75 -5.18 1.04
C LYS B 218 1.97 -4.81 -0.22
N GLY B 219 2.67 -4.74 -1.33
CA GLY B 219 2.07 -4.25 -2.55
C GLY B 219 2.66 -4.93 -3.75
N TYR B 220 1.90 -4.86 -4.82
CA TYR B 220 2.38 -5.20 -6.16
C TYR B 220 2.90 -3.96 -6.87
N GLY B 221 3.96 -4.14 -7.67
CA GLY B 221 4.58 -3.04 -8.39
C GLY B 221 5.00 -3.50 -9.77
N ILE B 222 4.98 -2.57 -10.71
CA ILE B 222 5.49 -2.85 -12.07
C ILE B 222 7.01 -2.83 -12.03
N ALA B 223 7.65 -3.83 -12.64
CA ALA B 223 9.07 -4.08 -12.44
C ALA B 223 9.84 -3.88 -13.74
N THR B 224 11.04 -3.33 -13.60
CA THR B 224 11.89 -3.04 -14.75
C THR B 224 13.34 -3.41 -14.46
N PRO B 225 14.10 -3.77 -15.50
CA PRO B 225 15.52 -4.06 -15.33
C PRO B 225 16.32 -2.84 -14.87
N LYS B 226 17.40 -3.08 -14.12
CA LYS B 226 18.24 -1.99 -13.69
C LYS B 226 18.73 -1.25 -14.92
N GLY B 227 18.78 0.08 -14.84
CA GLY B 227 19.21 0.89 -15.96
C GLY B 227 18.14 1.22 -16.98
N SER B 228 16.92 0.70 -16.83
CA SER B 228 15.89 0.93 -17.83
C SER B 228 15.51 2.40 -17.92
N SER B 229 15.42 2.91 -19.15
CA SER B 229 14.85 4.25 -19.35
C SER B 229 13.36 4.29 -19.04
N LEU B 230 12.68 3.15 -18.96
CA LEU B 230 11.27 3.16 -18.63
C LEU B 230 10.98 3.39 -17.16
N ARG B 231 11.97 3.30 -16.27
CA ARG B 231 11.65 3.25 -14.86
C ARG B 231 10.83 4.45 -14.41
N THR B 232 11.25 5.65 -14.79
CA THR B 232 10.56 6.81 -14.21
C THR B 232 9.23 7.03 -14.91
N PRO B 233 9.18 6.95 -16.23
CA PRO B 233 7.89 7.17 -16.91
C PRO B 233 6.79 6.26 -16.37
N VAL B 234 7.15 5.02 -16.04
CA VAL B 234 6.18 4.03 -15.53
C VAL B 234 5.75 4.36 -14.13
N ASN B 235 6.69 4.82 -13.29
CA ASN B 235 6.33 5.12 -11.92
C ASN B 235 5.34 6.26 -11.86
N LEU B 236 5.58 7.31 -12.64
CA LEU B 236 4.66 8.44 -12.74
C LEU B 236 3.34 8.01 -13.36
N ALA B 237 3.37 7.08 -14.32
CA ALA B 237 2.14 6.54 -14.89
C ALA B 237 1.30 5.87 -13.81
N VAL B 238 1.92 5.02 -12.99
CA VAL B 238 1.19 4.33 -11.93
C VAL B 238 0.52 5.37 -11.03
N LEU B 239 1.27 6.38 -10.59
CA LEU B 239 0.68 7.33 -9.66
C LEU B 239 -0.43 8.13 -10.31
N LYS B 240 -0.29 8.44 -11.61
CA LYS B 240 -1.35 9.20 -12.28
C LYS B 240 -2.61 8.36 -12.31
N LEU B 241 -2.49 7.08 -12.68
CA LEU B 241 -3.64 6.19 -12.77
C LEU B 241 -4.28 6.00 -11.39
N SER B 242 -3.46 5.97 -10.35
CA SER B 242 -3.98 5.89 -8.99
C SER B 242 -4.82 7.11 -8.67
N GLU B 243 -4.28 8.31 -8.89
CA GLU B 243 -4.96 9.55 -8.60
C GLU B 243 -6.13 9.80 -9.53
N GLN B 244 -6.12 9.23 -10.71
CA GLN B 244 -7.27 9.38 -11.59
C GLN B 244 -8.42 8.42 -11.29
N GLY B 245 -8.29 7.54 -10.28
CA GLY B 245 -9.32 6.55 -9.98
C GLY B 245 -9.32 5.33 -10.87
N VAL B 246 -8.43 5.27 -11.86
CA VAL B 246 -8.46 4.20 -12.85
C VAL B 246 -8.16 2.86 -12.20
N LEU B 247 -7.19 2.83 -11.25
CA LEU B 247 -6.85 1.57 -10.60
C LEU B 247 -8.05 1.07 -9.78
N ASP B 248 -8.79 1.98 -9.18
CA ASP B 248 -10.01 1.57 -8.48
C ASP B 248 -11.03 1.01 -9.46
N LYS B 249 -11.20 1.68 -10.60
CA LYS B 249 -12.14 1.19 -11.61
C LYS B 249 -11.75 -0.21 -12.12
N LEU B 250 -10.45 -0.44 -12.39
CA LEU B 250 -10.02 -1.76 -12.87
C LEU B 250 -10.27 -2.84 -11.82
N LYS B 251 -10.02 -2.53 -10.54
CA LYS B 251 -10.24 -3.51 -9.49
C LYS B 251 -11.71 -3.92 -9.43
N ASN B 252 -12.62 -2.94 -9.52
CA ASN B 252 -14.04 -3.21 -9.47
C ASN B 252 -14.48 -3.97 -10.69
N LYS B 253 -13.81 -3.73 -11.81
CA LYS B 253 -14.15 -4.40 -13.06
C LYS B 253 -13.85 -5.89 -13.01
N TRP B 254 -12.66 -6.25 -12.54
CA TRP B 254 -12.20 -7.61 -12.61
C TRP B 254 -12.44 -8.42 -11.34
N TRP B 255 -12.82 -7.81 -10.23
CA TRP B 255 -13.10 -8.57 -9.01
C TRP B 255 -14.60 -8.72 -8.72
N TYR B 256 -15.34 -7.62 -8.79
CA TYR B 256 -16.70 -7.55 -8.30
C TYR B 256 -17.72 -7.46 -9.42
N ASP B 257 -17.50 -6.60 -10.42
CA ASP B 257 -18.24 -6.74 -11.68
C ASP B 257 -18.24 -8.19 -12.14
N LYS B 258 -17.19 -8.94 -11.78
CA LYS B 258 -17.04 -10.34 -12.16
C LYS B 258 -17.52 -11.32 -11.10
N GLY B 259 -18.02 -10.84 -9.96
CA GLY B 259 -18.42 -11.74 -8.90
C GLY B 259 -19.67 -12.53 -9.26
N GLU B 260 -19.68 -13.80 -8.86
CA GLU B 260 -20.81 -14.69 -9.07
C GLU B 260 -21.47 -15.18 -7.79
N CYS B 261 -20.94 -14.87 -6.60
CA CYS B 261 -21.39 -15.47 -5.37
C CYS B 261 -22.10 -14.52 -4.41
N GLY B 262 -22.37 -13.28 -4.82
CA GLY B 262 -23.14 -12.36 -4.00
C GLY B 262 -24.54 -12.88 -3.66
N GLU B 301 2.77 -12.22 -5.67
CA GLU B 301 3.63 -13.37 -5.45
C GLU B 301 5.06 -13.05 -5.96
S SO4 C . -4.10 24.49 -0.65
O1 SO4 C . -5.30 25.15 -1.20
O2 SO4 C . -2.86 25.06 -1.20
O3 SO4 C . -4.12 24.67 0.83
O4 SO4 C . -4.15 23.07 -1.00
S SO4 D . -9.37 25.80 -7.57
O1 SO4 D . -9.50 26.96 -8.43
O2 SO4 D . -10.66 25.12 -7.43
O3 SO4 D . -8.90 26.21 -6.25
O4 SO4 D . -8.44 24.87 -8.21
S SO4 E . 11.29 -21.87 -3.81
O1 SO4 E . 10.90 -20.74 -2.96
O2 SO4 E . 10.16 -22.33 -4.64
O3 SO4 E . 12.40 -21.46 -4.70
O4 SO4 E . 11.68 -22.96 -2.90
S SO4 F . 15.30 -23.54 3.69
O1 SO4 F . 14.32 -23.21 4.73
O2 SO4 F . 15.98 -22.32 3.27
O3 SO4 F . 14.69 -24.18 2.51
O4 SO4 F . 16.28 -24.44 4.30
C11 NXO G . -0.18 0.82 -1.31
C11 NXO G . 1.41 -0.29 0.82
C12 NXO G . 0.27 -0.49 -1.29
C12 NXO G . 0.92 1.01 0.84
C13 NXO G . 1.02 -1.01 -0.24
C13 NXO G . 0.11 1.52 -0.18
O23 NXO G . 0.52 5.43 -3.13
O23 NXO G . 5.17 -3.23 -0.31
C01 NXO G . 2.47 -1.30 4.27
C01 NXO G . -2.77 0.94 -3.97
C02 NXO G . 1.66 -0.74 3.27
C02 NXO G . -2.04 0.47 -2.88
C03 NXO G . 2.08 -0.77 1.94
C03 NXO G . -0.99 1.21 -2.36
C04 NXO G . 3.30 -1.37 1.67
C04 NXO G . -0.66 2.40 -3.03
C05 NXO G . 4.09 -1.93 2.65
C05 NXO G . -1.39 2.85 -4.12
C06 NXO G . 3.68 -1.88 3.96
C06 NXO G . -2.45 2.11 -4.59
C08 NXO G . 1.31 -0.23 0.88
C08 NXO G . -0.21 0.73 -1.28
C09 NXO G . 0.88 1.08 0.87
C09 NXO G . 0.29 -0.57 -1.30
C10 NXO G . 0.12 1.61 -0.20
C10 NXO G . 1.11 -1.07 -0.29
C14 NXO G . -0.89 1.29 -2.43
C14 NXO G . 2.23 -0.77 1.85
C15 NXO G . -2.10 0.68 -2.82
C15 NXO G . 1.80 -0.86 3.18
C16 NXO G . -2.79 1.13 -3.98
C16 NXO G . 2.68 -1.33 4.20
C17 NXO G . -2.28 2.15 -4.77
C17 NXO G . 4.00 -1.71 3.89
C18 NXO G . -1.06 2.76 -4.43
C18 NXO G . 4.45 -1.64 2.56
C19 NXO G . -0.37 2.33 -3.27
C19 NXO G . 3.58 -1.16 1.55
C25 NXO G . -0.53 3.89 -5.37
C25 NXO G . 5.94 -2.05 2.28
F07 NXO G . 3.77 -1.45 0.39
F07 NXO G . 0.38 3.19 -2.63
N24 NXO G . 0.84 4.30 -5.25
N24 NXO G . 6.52 -1.68 1.02
O20 NXO G . 0.90 2.94 -2.89
O20 NXO G . 4.02 -1.07 0.17
O22 NXO G . 2.76 4.48 -3.48
O22 NXO G . 5.82 -1.11 -1.45
S21 NXO G . 1.31 4.31 -3.66
S21 NXO G . 5.43 -1.78 -0.24
H1 NXO G . 0.03 -1.14 -2.13
H1 NXO G . 1.18 1.65 1.67
H2 NXO G . 1.38 -2.03 -0.29
H2 NXO G . -0.25 2.53 -0.12
H3 NXO G . 2.13 -1.26 5.30
H3 NXO G . -3.61 0.35 -4.34
H4 NXO G . 0.72 -0.28 3.53
H4 NXO G . -2.29 -0.48 -2.43
H5 NXO G . 5.04 -2.39 2.40
H5 NXO G . -1.12 3.78 -4.61
H6 NXO G . 4.31 -2.28 4.75
H6 NXO G . -3.04 2.46 -5.44
H7 NXO G . 1.11 1.72 1.70
H7 NXO G . 0.05 -1.20 -2.14
H8 NXO G . -0.22 2.63 -0.15
H8 NXO G . 1.50 -2.07 -0.37
H9 NXO G . -2.49 -0.13 -2.24
H9 NXO G . 0.80 -0.55 3.44
H10 NXO G . -3.73 0.66 -4.24
H10 NXO G . 2.32 -1.40 5.22
H11 NXO G . -2.83 2.48 -5.65
H11 NXO G . 4.66 -2.04 4.67
H12 NXO G . -1.14 4.76 -5.20
H12 NXO G . 6.55 -1.61 3.06
H13 NXO G . -0.66 3.55 -6.39
H13 NXO G . 6.00 -3.13 2.34
H14 NXO G . 1.22 4.97 -5.88
H14 NXO G . 7.49 -1.87 0.85
NA NA H . -11.68 6.35 -6.69
CL CL I . -0.55 -19.11 -27.57
#